data_6SYY
#
_entry.id   6SYY
#
_cell.length_a   52.920
_cell.length_b   98.927
_cell.length_c   98.589
_cell.angle_alpha   90.000
_cell.angle_beta   90.000
_cell.angle_gamma   90.000
#
_symmetry.space_group_name_H-M   'P 21 21 21'
#
loop_
_entity.id
_entity.type
_entity.pdbx_description
1 polymer 'Periplasmic cell division protein (SufI)'
2 non-polymer 'COPPER (II) ION'
3 non-polymer 'OXYGEN ATOM'
4 water water
#
_entity_poly.entity_id   1
_entity_poly.type   'polypeptide(L)'
_entity_poly.pdbx_seq_one_letter_code
;MDRRKFIKTSLFSALGFSVGGLSLLSCGGGGTTGSSSGQGSGTLSKQSLNIPGYFLFPDGQRVSITAKWTTLEVIPGKST
DMLVYEIDNEYNPVIFLRKGQTFSADFVNNSGEDSIIHWHGFRAPWKSDGHPYYAVKDGETYSYPDFTIIDRSGTYFYHP
HPHGRTGYQVYYGLAGMIIIEDEDEDNLKQALDLEYGVIDIPLIIQDKTFDSSGQLVYNPMGHMGFWGDTILVNLTPNPY
MDVERKIYRFRILNGSNARPYRLALLRGNQRMRFWVIGVEGGLLDTPKEVNEILVAPGERIDILVDFRDASVNDVIKLYN
FPHNLIGMGMIGMRMGMGMERGMGMGNGMNMDMGMADNSEFEVMEFRVTKDSAYDKSIPQRLSEVTPINTDGAQVQRITL
GMRRMVFTINGETWEDGYANPQDINNPKVLFEQNNGDVVIIEYVNNTGMYHPMHIHGFQFQVLERSLGPLRATDLGWKDT
VIVAPMETVRIAVDMSHPYNEHQIYLLHCHILEHHDEGMMVNYRVNA
;
_entity_poly.pdbx_strand_id   A
#
# COMPACT_ATOMS: atom_id res chain seq x y z
N LEU A 44 -2.76 -28.20 -3.43
CA LEU A 44 -1.91 -27.95 -2.26
C LEU A 44 -2.75 -27.84 -0.99
N SER A 45 -2.34 -28.58 0.05
CA SER A 45 -3.02 -28.51 1.34
C SER A 45 -3.02 -27.08 1.88
N LYS A 46 -3.99 -26.80 2.74
CA LYS A 46 -3.99 -25.52 3.46
C LYS A 46 -2.69 -25.37 4.24
N GLN A 47 -2.12 -24.17 4.21
CA GLN A 47 -0.88 -23.87 4.90
C GLN A 47 -1.13 -22.85 6.00
N SER A 48 -0.42 -22.99 7.11
CA SER A 48 -0.52 -22.02 8.20
C SER A 48 -0.02 -20.66 7.74
N LEU A 49 -0.81 -19.62 7.99
CA LEU A 49 -0.44 -18.27 7.55
C LEU A 49 0.89 -17.86 8.14
N ASN A 50 1.83 -17.49 7.28
CA ASN A 50 3.09 -16.95 7.74
C ASN A 50 2.87 -15.56 8.33
N ILE A 51 3.45 -15.32 9.51
CA ILE A 51 3.46 -14.02 10.14
C ILE A 51 4.88 -13.45 10.01
N PRO A 52 5.08 -12.33 9.31
CA PRO A 52 6.44 -11.83 9.12
C PRO A 52 7.09 -11.48 10.45
N GLY A 53 8.42 -11.53 10.46
CA GLY A 53 9.16 -10.99 11.59
C GLY A 53 8.98 -9.50 11.68
N TYR A 54 9.36 -8.95 12.83
CA TYR A 54 9.28 -7.51 13.02
C TYR A 54 10.63 -6.95 13.41
N PHE A 55 10.82 -5.67 13.13
CA PHE A 55 12.07 -4.99 13.44
C PHE A 55 11.74 -3.63 14.03
N LEU A 56 12.21 -3.40 15.25
CA LEU A 56 12.04 -2.11 15.91
C LEU A 56 13.11 -1.17 15.39
N PHE A 57 12.74 -0.32 14.44
CA PHE A 57 13.69 0.58 13.81
C PHE A 57 14.20 1.59 14.84
N PRO A 58 15.49 1.61 15.15
CA PRO A 58 15.97 2.51 16.20
C PRO A 58 15.89 3.96 15.80
N ASP A 59 15.91 4.83 16.81
CA ASP A 59 15.74 6.27 16.63
C ASP A 59 17.11 6.90 16.34
N GLY A 60 17.29 7.38 15.11
CA GLY A 60 18.51 8.09 14.76
C GLY A 60 19.75 7.22 14.68
N GLN A 61 19.58 5.90 14.54
CA GLN A 61 20.71 4.98 14.39
C GLN A 61 20.63 4.32 13.03
N ARG A 62 21.77 4.28 12.34
CA ARG A 62 21.78 3.84 10.96
C ARG A 62 21.47 2.35 10.84
N VAL A 63 20.62 2.02 9.88
CA VAL A 63 20.17 0.65 9.62
C VAL A 63 20.36 0.35 8.15
N SER A 64 21.06 -0.75 7.86
CA SER A 64 21.24 -1.20 6.48
C SER A 64 20.05 -2.05 6.06
N ILE A 65 19.47 -1.71 4.91
CA ILE A 65 18.41 -2.50 4.29
C ILE A 65 18.95 -2.98 2.95
N THR A 66 19.22 -4.27 2.86
CA THR A 66 19.88 -4.84 1.69
C THR A 66 18.89 -5.63 0.87
N ALA A 67 18.75 -5.26 -0.41
CA ALA A 67 18.00 -6.07 -1.36
C ALA A 67 18.95 -7.09 -1.99
N LYS A 68 18.53 -8.34 -2.03
CA LYS A 68 19.42 -9.39 -2.51
C LYS A 68 18.61 -10.54 -3.08
N TRP A 69 19.25 -11.31 -3.95
CA TRP A 69 18.68 -12.56 -4.44
C TRP A 69 18.89 -13.68 -3.43
N THR A 70 17.88 -14.54 -3.32
CA THR A 70 17.91 -15.71 -2.45
C THR A 70 16.87 -16.70 -2.98
N THR A 71 16.64 -17.77 -2.23
CA THR A 71 15.61 -18.75 -2.55
C THR A 71 14.70 -18.93 -1.36
N LEU A 72 13.40 -18.77 -1.58
CA LEU A 72 12.40 -18.93 -0.53
C LEU A 72 11.55 -20.16 -0.83
N GLU A 73 11.13 -20.85 0.24
CA GLU A 73 10.28 -22.03 0.12
C GLU A 73 8.83 -21.60 0.32
N VAL A 74 8.25 -21.04 -0.75
CA VAL A 74 6.85 -20.61 -0.71
C VAL A 74 5.92 -21.81 -0.80
N ILE A 75 6.14 -22.65 -1.81
CA ILE A 75 5.47 -23.95 -1.91
C ILE A 75 6.38 -24.98 -1.26
N PRO A 76 5.91 -25.73 -0.27
CA PRO A 76 6.79 -26.68 0.43
C PRO A 76 7.43 -27.66 -0.54
N GLY A 77 8.75 -27.82 -0.40
CA GLY A 77 9.51 -28.70 -1.26
C GLY A 77 10.06 -28.06 -2.52
N LYS A 78 9.81 -26.78 -2.74
CA LYS A 78 10.29 -26.09 -3.93
C LYS A 78 11.02 -24.82 -3.52
N SER A 79 12.10 -24.51 -4.21
CA SER A 79 12.89 -23.31 -3.95
C SER A 79 12.58 -22.27 -5.02
N THR A 80 12.06 -21.13 -4.61
CA THR A 80 11.67 -20.06 -5.52
C THR A 80 12.70 -18.96 -5.45
N ASP A 81 13.31 -18.64 -6.59
CA ASP A 81 14.25 -17.54 -6.66
C ASP A 81 13.49 -16.22 -6.48
N MET A 82 13.84 -15.47 -5.44
CA MET A 82 13.13 -14.24 -5.13
C MET A 82 14.11 -13.20 -4.58
N LEU A 83 13.64 -11.94 -4.62
CA LEU A 83 14.34 -10.84 -3.99
C LEU A 83 13.76 -10.60 -2.59
N VAL A 84 14.63 -10.22 -1.65
CA VAL A 84 14.18 -9.90 -0.30
C VAL A 84 14.93 -8.65 0.16
N TYR A 85 14.26 -7.87 1.00
CA TYR A 85 14.93 -6.85 1.80
C TYR A 85 15.44 -7.51 3.07
N GLU A 86 16.75 -7.46 3.30
CA GLU A 86 17.34 -8.02 4.51
C GLU A 86 17.61 -6.89 5.50
N ILE A 87 17.02 -7.01 6.68
CA ILE A 87 17.20 -6.06 7.77
C ILE A 87 17.44 -6.88 9.03
N ASP A 88 18.66 -6.80 9.56
CA ASP A 88 19.00 -7.46 10.82
C ASP A 88 18.72 -8.96 10.75
N ASN A 89 19.16 -9.57 9.65
CA ASN A 89 19.00 -11.01 9.42
C ASN A 89 17.54 -11.44 9.43
N GLU A 90 16.67 -10.57 8.91
CA GLU A 90 15.27 -10.87 8.70
C GLU A 90 14.90 -10.49 7.27
N TYR A 91 14.06 -11.30 6.65
CA TYR A 91 13.61 -11.04 5.28
C TYR A 91 12.27 -10.33 5.31
N ASN A 92 12.20 -9.18 4.63
CA ASN A 92 11.01 -8.34 4.53
C ASN A 92 10.25 -8.24 5.85
N PRO A 93 10.90 -7.86 6.94
CA PRO A 93 10.19 -7.79 8.22
C PRO A 93 9.20 -6.63 8.24
N VAL A 94 8.27 -6.70 9.19
CA VAL A 94 7.43 -5.56 9.47
C VAL A 94 8.26 -4.55 10.25
N ILE A 95 8.48 -3.39 9.68
CA ILE A 95 9.27 -2.34 10.31
C ILE A 95 8.36 -1.55 11.23
N PHE A 96 8.76 -1.40 12.49
CA PHE A 96 8.02 -0.59 13.44
C PHE A 96 8.71 0.75 13.64
N LEU A 97 7.91 1.81 13.66
CA LEU A 97 8.38 3.16 13.90
C LEU A 97 7.50 3.83 14.93
N ARG A 98 8.09 4.77 15.67
CA ARG A 98 7.33 5.61 16.60
C ARG A 98 7.29 7.03 16.01
N LYS A 99 6.11 7.64 16.05
CA LYS A 99 5.97 8.97 15.49
C LYS A 99 6.85 9.94 16.27
N GLY A 100 7.62 10.74 15.54
CA GLY A 100 8.53 11.68 16.14
C GLY A 100 9.98 11.23 16.16
N GLN A 101 10.25 9.96 15.88
CA GLN A 101 11.62 9.46 15.90
C GLN A 101 12.36 9.86 14.62
N THR A 102 13.69 9.77 14.70
CA THR A 102 14.53 9.96 13.53
C THR A 102 14.69 8.64 12.79
N PHE A 103 14.67 8.71 11.46
CA PHE A 103 14.73 7.55 10.58
C PHE A 103 16.01 7.66 9.77
N SER A 104 16.99 6.80 10.08
CA SER A 104 18.33 6.84 9.47
C SER A 104 18.56 5.53 8.72
N ALA A 105 18.24 5.51 7.43
CA ALA A 105 18.29 4.28 6.65
C ALA A 105 19.33 4.38 5.53
N ASP A 106 20.05 3.27 5.31
CA ASP A 106 20.92 3.10 4.16
C ASP A 106 20.40 1.93 3.35
N PHE A 107 20.14 2.16 2.07
CA PHE A 107 19.75 1.09 1.16
C PHE A 107 20.99 0.53 0.48
N VAL A 108 21.29 -0.74 0.72
CA VAL A 108 22.39 -1.44 0.06
C VAL A 108 21.79 -2.31 -1.02
N ASN A 109 22.21 -2.08 -2.27
CA ASN A 109 21.57 -2.69 -3.44
C ASN A 109 22.43 -3.86 -3.94
N ASN A 110 21.98 -5.08 -3.65
CA ASN A 110 22.55 -6.29 -4.24
C ASN A 110 21.51 -7.00 -5.09
N SER A 111 20.56 -6.25 -5.64
CA SER A 111 19.46 -6.85 -6.41
C SER A 111 19.86 -7.18 -7.85
N GLY A 112 21.02 -6.73 -8.32
CA GLY A 112 21.45 -6.99 -9.67
C GLY A 112 21.11 -5.92 -10.69
N GLU A 113 20.34 -4.91 -10.31
CA GLU A 113 20.01 -3.82 -11.21
C GLU A 113 19.78 -2.56 -10.38
N ASP A 114 19.56 -1.44 -11.06
CA ASP A 114 19.24 -0.20 -10.38
C ASP A 114 18.01 -0.36 -9.50
N SER A 115 18.03 0.28 -8.33
CA SER A 115 16.88 0.20 -7.44
C SER A 115 16.95 1.31 -6.40
N ILE A 116 15.83 1.52 -5.73
CA ILE A 116 15.71 2.49 -4.64
C ILE A 116 14.47 2.09 -3.86
N ILE A 117 14.50 2.29 -2.55
CA ILE A 117 13.34 1.98 -1.71
C ILE A 117 12.48 3.22 -1.59
N HIS A 118 11.19 3.06 -1.86
CA HIS A 118 10.22 4.11 -1.59
C HIS A 118 9.50 3.81 -0.28
N TRP A 119 9.43 4.80 0.60
CA TRP A 119 8.67 4.69 1.85
C TRP A 119 7.25 5.19 1.59
N HIS A 120 6.45 4.29 1.01
CA HIS A 120 5.13 4.65 0.50
C HIS A 120 4.23 5.16 1.63
N GLY A 121 3.74 6.39 1.46
CA GLY A 121 2.88 7.02 2.44
C GLY A 121 3.59 8.01 3.35
N PHE A 122 4.92 8.04 3.35
CA PHE A 122 5.66 8.93 4.24
C PHE A 122 5.58 10.37 3.75
N ARG A 123 5.46 11.29 4.70
CA ARG A 123 5.82 12.69 4.48
C ARG A 123 7.31 12.83 4.79
N ALA A 124 8.11 12.97 3.74
CA ALA A 124 9.56 13.00 3.87
C ALA A 124 10.13 14.05 2.92
N PRO A 125 11.31 14.58 3.23
CA PRO A 125 12.06 15.31 2.20
C PRO A 125 12.33 14.37 1.04
N TRP A 126 12.18 14.89 -0.19
CA TRP A 126 12.07 13.99 -1.32
C TRP A 126 13.36 13.25 -1.63
N LYS A 127 14.51 13.81 -1.23
CA LYS A 127 15.75 13.04 -1.36
C LYS A 127 15.83 11.91 -0.35
N SER A 128 14.91 11.86 0.61
CA SER A 128 14.79 10.75 1.54
C SER A 128 13.57 9.89 1.25
N ASP A 129 12.86 10.18 0.15
CA ASP A 129 11.58 9.55 -0.15
C ASP A 129 11.71 8.32 -1.05
N GLY A 130 12.77 8.25 -1.85
CA GLY A 130 12.93 7.13 -2.76
C GLY A 130 12.43 7.44 -4.16
N HIS A 131 12.90 8.55 -4.72
CA HIS A 131 12.52 8.95 -6.06
C HIS A 131 13.41 8.22 -7.09
N PRO A 132 12.86 7.91 -8.26
CA PRO A 132 13.65 7.17 -9.26
C PRO A 132 14.93 7.86 -9.68
N TYR A 133 15.00 9.21 -9.60
CA TYR A 133 16.23 9.91 -9.96
C TYR A 133 17.41 9.45 -9.10
N TYR A 134 17.15 9.00 -7.88
CA TYR A 134 18.18 8.65 -6.92
C TYR A 134 18.50 7.16 -6.90
N ALA A 135 17.91 6.38 -7.80
CA ALA A 135 18.17 4.95 -7.85
C ALA A 135 19.67 4.71 -8.01
N VAL A 136 20.17 3.69 -7.33
CA VAL A 136 21.59 3.38 -7.33
C VAL A 136 21.81 2.06 -8.05
N LYS A 137 23.01 1.91 -8.61
CA LYS A 137 23.36 0.72 -9.36
C LYS A 137 23.59 -0.46 -8.42
N ASP A 138 23.63 -1.67 -9.00
CA ASP A 138 23.97 -2.87 -8.24
C ASP A 138 25.36 -2.70 -7.62
N GLY A 139 25.47 -3.11 -6.35
CA GLY A 139 26.68 -2.89 -5.59
C GLY A 139 26.77 -1.54 -4.92
N GLU A 140 25.85 -0.62 -5.19
CA GLU A 140 25.89 0.72 -4.63
C GLU A 140 24.93 0.85 -3.45
N THR A 141 25.09 1.95 -2.73
CA THR A 141 24.32 2.22 -1.52
C THR A 141 23.72 3.62 -1.62
N TYR A 142 22.44 3.74 -1.31
CA TYR A 142 21.82 5.05 -1.16
C TYR A 142 21.59 5.32 0.32
N SER A 143 22.28 6.33 0.83
CA SER A 143 22.12 6.77 2.21
C SER A 143 21.02 7.82 2.24
N TYR A 144 19.88 7.46 2.81
CA TYR A 144 18.79 8.41 2.97
C TYR A 144 19.15 9.42 4.04
N PRO A 145 19.18 10.71 3.73
CA PRO A 145 19.39 11.71 4.79
C PRO A 145 18.38 11.53 5.92
N ASP A 146 18.84 11.75 7.15
CA ASP A 146 17.96 11.65 8.31
C ASP A 146 16.71 12.50 8.11
N PHE A 147 15.58 12.00 8.60
CA PHE A 147 14.39 12.82 8.70
C PHE A 147 13.53 12.31 9.84
N THR A 148 12.57 13.13 10.25
CA THR A 148 11.68 12.81 11.35
C THR A 148 10.40 12.19 10.81
N ILE A 149 9.97 11.09 11.45
CA ILE A 149 8.68 10.48 11.13
C ILE A 149 7.58 11.40 11.67
N ILE A 150 6.79 11.98 10.77
CA ILE A 150 5.74 12.92 11.14
C ILE A 150 4.35 12.43 10.74
N ASP A 151 4.24 11.17 10.31
CA ASP A 151 2.97 10.62 9.89
C ASP A 151 2.19 10.04 11.07
N ARG A 152 0.89 9.94 10.89
CA ARG A 152 0.03 9.35 11.91
C ARG A 152 0.22 7.84 11.95
N SER A 153 -0.05 7.26 13.13
CA SER A 153 0.06 5.82 13.28
C SER A 153 -0.82 5.11 12.25
N GLY A 154 -0.34 3.97 11.77
CA GLY A 154 -1.08 3.24 10.77
C GLY A 154 -0.17 2.26 10.05
N THR A 155 -0.67 1.75 8.92
CA THR A 155 0.01 0.74 8.14
C THR A 155 0.59 1.38 6.89
N TYR A 156 1.91 1.32 6.76
CA TYR A 156 2.62 1.88 5.62
C TYR A 156 3.34 0.73 4.90
N PHE A 157 4.16 1.10 3.91
CA PHE A 157 4.47 0.19 2.82
C PHE A 157 5.83 0.60 2.27
N TYR A 158 6.80 -0.31 2.25
CA TYR A 158 8.08 -0.04 1.61
C TYR A 158 8.31 -1.02 0.47
N HIS A 159 8.75 -0.49 -0.66
CA HIS A 159 8.89 -1.26 -1.89
C HIS A 159 9.79 -0.46 -2.84
N PRO A 160 10.38 -1.12 -3.82
CA PRO A 160 11.31 -0.40 -4.72
C PRO A 160 10.57 0.53 -5.66
N HIS A 161 11.29 1.54 -6.12
CA HIS A 161 10.73 2.49 -7.07
C HIS A 161 11.66 2.78 -8.25
N PRO A 162 12.35 1.80 -8.84
CA PRO A 162 13.20 2.12 -9.98
C PRO A 162 12.37 2.37 -11.24
N HIS A 163 12.91 3.23 -12.09
CA HIS A 163 12.32 3.54 -13.39
C HIS A 163 12.12 2.26 -14.20
N GLY A 164 10.85 1.97 -14.53
CA GLY A 164 10.53 0.88 -15.44
C GLY A 164 10.64 -0.52 -14.88
N ARG A 165 11.20 -0.71 -13.69
CA ARG A 165 11.41 -2.05 -13.15
C ARG A 165 10.76 -2.25 -11.79
N THR A 166 9.84 -1.35 -11.41
CA THR A 166 9.18 -1.47 -10.12
C THR A 166 8.26 -2.69 -10.08
N GLY A 167 7.51 -2.92 -11.16
CA GLY A 167 6.67 -4.11 -11.21
C GLY A 167 7.48 -5.39 -11.08
N TYR A 168 8.65 -5.43 -11.72
CA TYR A 168 9.48 -6.62 -11.64
C TYR A 168 9.96 -6.87 -10.21
N GLN A 169 10.53 -5.85 -9.57
CA GLN A 169 11.18 -6.08 -8.29
C GLN A 169 10.16 -6.31 -7.18
N VAL A 170 9.03 -5.61 -7.21
CA VAL A 170 7.98 -5.89 -6.23
C VAL A 170 7.48 -7.30 -6.39
N TYR A 171 7.17 -7.69 -7.63
CA TYR A 171 6.64 -9.03 -7.89
C TYR A 171 7.62 -10.11 -7.47
N TYR A 172 8.92 -9.87 -7.61
CA TYR A 172 9.90 -10.90 -7.25
C TYR A 172 10.24 -10.89 -5.76
N GLY A 173 9.71 -9.94 -4.99
CA GLY A 173 9.80 -10.11 -3.54
C GLY A 173 10.13 -8.89 -2.71
N LEU A 174 10.50 -7.77 -3.34
CA LEU A 174 10.83 -6.56 -2.60
C LEU A 174 9.54 -5.85 -2.22
N ALA A 175 9.03 -6.19 -1.03
CA ALA A 175 7.81 -5.58 -0.50
C ALA A 175 7.75 -5.87 0.99
N GLY A 176 7.40 -4.85 1.77
CA GLY A 176 7.30 -5.01 3.20
C GLY A 176 6.34 -3.99 3.78
N MET A 177 5.87 -4.30 4.99
CA MET A 177 4.94 -3.45 5.72
C MET A 177 5.67 -2.65 6.78
N ILE A 178 5.19 -1.43 7.00
CA ILE A 178 5.63 -0.55 8.08
C ILE A 178 4.45 -0.28 8.99
N ILE A 179 4.67 -0.34 10.30
CA ILE A 179 3.66 0.03 11.29
C ILE A 179 4.20 1.20 12.11
N ILE A 180 3.56 2.36 11.98
CA ILE A 180 3.87 3.53 12.80
C ILE A 180 2.95 3.52 14.00
N GLU A 181 3.48 3.92 15.15
CA GLU A 181 2.72 4.01 16.38
C GLU A 181 2.77 5.44 16.90
N ASP A 182 1.62 5.90 17.39
CA ASP A 182 1.53 7.17 18.09
C ASP A 182 0.63 6.95 19.30
N GLU A 183 0.23 8.05 19.95
CA GLU A 183 -0.59 7.94 21.14
C GLU A 183 -1.96 7.35 20.86
N ASP A 184 -2.53 7.62 19.68
CA ASP A 184 -3.82 7.05 19.33
C ASP A 184 -3.75 5.54 19.20
N GLU A 185 -2.69 5.04 18.56
CA GLU A 185 -2.50 3.60 18.47
C GLU A 185 -2.29 3.00 19.86
N ASP A 186 -1.63 3.74 20.75
CA ASP A 186 -1.43 3.26 22.12
C ASP A 186 -2.77 3.03 22.80
N ASN A 187 -3.68 3.99 22.70
CA ASN A 187 -4.98 3.86 23.36
C ASN A 187 -5.81 2.73 22.73
N LEU A 188 -5.72 2.57 21.41
CA LEU A 188 -6.43 1.46 20.78
C LEU A 188 -5.83 0.12 21.20
N LYS A 189 -4.50 0.04 21.25
CA LYS A 189 -3.84 -1.22 21.64
C LYS A 189 -4.24 -1.62 23.06
N GLN A 190 -4.41 -0.63 23.94
CA GLN A 190 -4.83 -0.93 25.30
C GLN A 190 -6.31 -1.29 25.36
N ALA A 191 -7.14 -0.55 24.64
CA ALA A 191 -8.58 -0.82 24.64
C ALA A 191 -8.87 -2.25 24.19
N LEU A 192 -8.10 -2.77 23.24
CA LEU A 192 -8.38 -4.09 22.67
C LEU A 192 -7.31 -5.14 22.98
N ASP A 193 -6.32 -4.81 23.81
CA ASP A 193 -5.25 -5.75 24.14
C ASP A 193 -4.57 -6.28 22.88
N LEU A 194 -4.35 -5.39 21.92
CA LEU A 194 -3.73 -5.79 20.66
C LEU A 194 -2.25 -6.12 20.88
N GLU A 195 -1.77 -7.08 20.11
CA GLU A 195 -0.36 -7.47 20.13
C GLU A 195 0.00 -8.00 18.75
N TYR A 196 1.08 -7.49 18.18
CA TYR A 196 1.51 -7.93 16.85
C TYR A 196 1.72 -9.43 16.85
N GLY A 197 1.24 -10.09 15.78
CA GLY A 197 1.34 -11.53 15.66
C GLY A 197 0.37 -12.33 16.49
N VAL A 198 -0.35 -11.71 17.42
CA VAL A 198 -1.34 -12.42 18.22
C VAL A 198 -2.73 -12.11 17.67
N ILE A 199 -3.22 -10.89 17.91
CA ILE A 199 -4.48 -10.43 17.35
C ILE A 199 -4.32 -9.19 16.49
N ASP A 200 -3.10 -8.71 16.26
CA ASP A 200 -2.80 -7.62 15.33
C ASP A 200 -1.99 -8.25 14.20
N ILE A 201 -2.67 -8.60 13.11
CA ILE A 201 -2.14 -9.50 12.09
C ILE A 201 -2.00 -8.75 10.77
N PRO A 202 -0.82 -8.72 10.15
CA PRO A 202 -0.70 -8.19 8.79
C PRO A 202 -1.23 -9.19 7.78
N LEU A 203 -1.89 -8.67 6.75
CA LEU A 203 -2.36 -9.50 5.63
C LEU A 203 -1.88 -8.82 4.35
N ILE A 204 -0.67 -9.16 3.93
CA ILE A 204 -0.10 -8.63 2.69
C ILE A 204 -0.59 -9.55 1.56
N ILE A 205 -1.62 -9.09 0.85
CA ILE A 205 -2.28 -9.92 -0.17
C ILE A 205 -1.63 -9.67 -1.52
N GLN A 206 -1.20 -10.76 -2.16
CA GLN A 206 -0.50 -10.69 -3.44
C GLN A 206 -0.95 -11.87 -4.30
N ASP A 207 -1.03 -11.64 -5.60
CA ASP A 207 -1.26 -12.73 -6.53
C ASP A 207 0.01 -12.96 -7.34
N LYS A 208 0.36 -14.24 -7.53
CA LYS A 208 1.57 -14.62 -8.24
C LYS A 208 1.30 -15.88 -9.05
N THR A 209 2.18 -16.14 -10.00
CA THR A 209 2.08 -17.30 -10.89
C THR A 209 3.37 -18.09 -10.82
N PHE A 210 3.24 -19.42 -10.65
CA PHE A 210 4.37 -20.32 -10.51
C PHE A 210 4.39 -21.33 -11.66
N ASP A 211 5.58 -21.65 -12.15
CA ASP A 211 5.72 -22.71 -13.15
C ASP A 211 5.79 -24.06 -12.42
N SER A 212 6.09 -25.12 -13.17
CA SER A 212 6.10 -26.46 -12.59
C SER A 212 7.15 -26.61 -11.50
N SER A 213 8.28 -25.92 -11.63
CA SER A 213 9.40 -26.06 -10.72
C SER A 213 9.35 -25.11 -9.53
N GLY A 214 8.26 -24.36 -9.37
CA GLY A 214 8.15 -23.42 -8.28
C GLY A 214 8.79 -22.07 -8.50
N GLN A 215 9.21 -21.76 -9.72
CA GLN A 215 9.75 -20.44 -10.03
C GLN A 215 8.64 -19.50 -10.45
N LEU A 216 8.85 -18.21 -10.18
CA LEU A 216 7.84 -17.21 -10.49
C LEU A 216 7.81 -16.93 -11.98
N VAL A 217 6.61 -16.66 -12.49
CA VAL A 217 6.38 -16.32 -13.88
C VAL A 217 5.86 -14.89 -13.92
N TYR A 218 6.60 -14.00 -14.59
CA TYR A 218 6.23 -12.59 -14.71
C TYR A 218 6.07 -12.28 -16.19
N ASN A 219 4.84 -12.37 -16.69
CA ASN A 219 4.53 -12.04 -18.08
C ASN A 219 3.34 -11.09 -18.11
N PRO A 220 3.56 -9.82 -17.78
CA PRO A 220 2.49 -8.83 -17.98
C PRO A 220 2.13 -8.73 -19.45
N MET A 221 0.84 -8.90 -19.75
CA MET A 221 0.35 -8.88 -21.12
C MET A 221 0.02 -7.45 -21.52
N GLY A 222 0.84 -6.88 -22.41
CA GLY A 222 0.63 -5.54 -22.92
C GLY A 222 0.65 -4.44 -21.88
N HIS A 223 -0.49 -3.75 -21.74
CA HIS A 223 -0.63 -2.66 -20.78
C HIS A 223 -1.78 -2.91 -19.81
N MET A 224 -2.10 -4.19 -19.59
CA MET A 224 -3.17 -4.58 -18.69
C MET A 224 -2.71 -4.80 -17.26
N GLY A 225 -1.41 -4.67 -16.98
CA GLY A 225 -0.90 -5.01 -15.67
C GLY A 225 -0.76 -6.52 -15.52
N PHE A 226 -0.08 -6.96 -14.48
CA PHE A 226 0.10 -8.38 -14.24
C PHE A 226 -1.00 -8.92 -13.34
N TRP A 227 -1.49 -10.11 -13.65
CA TRP A 227 -2.53 -10.76 -12.87
C TRP A 227 -2.10 -12.19 -12.56
N GLY A 228 -1.97 -12.50 -11.28
CA GLY A 228 -1.45 -13.78 -10.85
C GLY A 228 -2.51 -14.86 -10.74
N ASP A 229 -2.07 -16.11 -10.94
CA ASP A 229 -2.96 -17.26 -10.88
C ASP A 229 -3.20 -17.74 -9.46
N THR A 230 -2.26 -17.48 -8.56
CA THR A 230 -2.26 -18.01 -7.20
C THR A 230 -2.29 -16.86 -6.20
N ILE A 231 -3.18 -16.94 -5.22
CA ILE A 231 -3.31 -15.89 -4.21
C ILE A 231 -2.45 -16.24 -3.02
N LEU A 232 -1.71 -15.26 -2.51
CA LEU A 232 -0.83 -15.43 -1.38
C LEU A 232 -1.14 -14.37 -0.33
N VAL A 233 -0.99 -14.76 0.93
CA VAL A 233 -1.05 -13.82 2.05
C VAL A 233 0.25 -13.99 2.83
N ASN A 234 1.04 -12.92 2.89
CA ASN A 234 2.35 -12.97 3.53
C ASN A 234 3.20 -14.08 2.92
N LEU A 235 3.14 -14.21 1.60
CA LEU A 235 3.85 -15.26 0.84
C LEU A 235 3.42 -16.65 1.28
N THR A 236 2.15 -16.82 1.66
CA THR A 236 1.61 -18.12 2.01
C THR A 236 0.50 -18.48 1.03
N PRO A 237 0.64 -19.57 0.28
CA PRO A 237 -0.44 -19.99 -0.62
C PRO A 237 -1.51 -20.77 0.14
N ASN A 238 -2.77 -20.54 -0.25
CA ASN A 238 -3.91 -21.23 0.32
C ASN A 238 -3.86 -21.25 1.85
N PRO A 239 -3.84 -20.09 2.49
CA PRO A 239 -3.55 -20.05 3.93
C PRO A 239 -4.76 -20.24 4.82
N TYR A 240 -4.48 -20.68 6.04
CA TYR A 240 -5.44 -20.71 7.13
C TYR A 240 -4.81 -20.07 8.36
N MET A 241 -5.66 -19.61 9.27
CA MET A 241 -5.21 -19.18 10.58
C MET A 241 -6.26 -19.57 11.62
N ASP A 242 -5.81 -20.17 12.71
CA ASP A 242 -6.69 -20.41 13.84
C ASP A 242 -6.88 -19.10 14.61
N VAL A 243 -8.12 -18.84 15.01
CA VAL A 243 -8.45 -17.66 15.78
C VAL A 243 -9.27 -18.08 16.99
N GLU A 244 -9.30 -17.21 17.98
CA GLU A 244 -10.16 -17.37 19.15
C GLU A 244 -11.35 -16.41 19.03
N ARG A 245 -12.34 -16.62 19.89
CA ARG A 245 -13.50 -15.72 19.92
C ARG A 245 -13.05 -14.40 20.55
N LYS A 246 -12.43 -13.56 19.72
CA LYS A 246 -11.84 -12.30 20.15
C LYS A 246 -11.98 -11.30 19.03
N ILE A 247 -11.66 -10.04 19.32
CA ILE A 247 -11.49 -9.04 18.28
C ILE A 247 -10.07 -9.15 17.73
N TYR A 248 -9.95 -9.27 16.42
CA TYR A 248 -8.67 -9.25 15.73
C TYR A 248 -8.57 -8.01 14.86
N ARG A 249 -7.38 -7.41 14.84
CA ARG A 249 -7.08 -6.35 13.90
C ARG A 249 -6.27 -6.95 12.75
N PHE A 250 -6.73 -6.72 11.53
CA PHE A 250 -6.00 -7.14 10.34
C PHE A 250 -5.60 -5.91 9.54
N ARG A 251 -4.31 -5.78 9.26
CA ARG A 251 -3.77 -4.70 8.44
C ARG A 251 -3.64 -5.25 7.03
N ILE A 252 -4.65 -4.98 6.20
CA ILE A 252 -4.68 -5.52 4.85
C ILE A 252 -3.88 -4.59 3.94
N LEU A 253 -2.86 -5.14 3.29
CA LEU A 253 -2.04 -4.40 2.35
C LEU A 253 -2.08 -5.12 1.02
N ASN A 254 -2.60 -4.44 -0.01
CA ASN A 254 -2.62 -5.00 -1.35
C ASN A 254 -1.23 -4.78 -1.95
N GLY A 255 -0.43 -5.84 -1.99
CA GLY A 255 0.90 -5.78 -2.57
C GLY A 255 0.94 -6.41 -3.94
N SER A 256 -0.21 -6.47 -4.61
CA SER A 256 -0.25 -6.99 -5.96
C SER A 256 0.18 -5.91 -6.95
N ASN A 257 0.55 -6.36 -8.16
CA ASN A 257 0.96 -5.42 -9.18
C ASN A 257 -0.21 -4.67 -9.78
N ALA A 258 -1.38 -5.29 -9.86
CA ALA A 258 -2.48 -4.67 -10.59
C ALA A 258 -3.85 -5.09 -10.08
N ARG A 259 -3.94 -6.25 -9.46
CA ARG A 259 -5.24 -6.83 -9.12
C ARG A 259 -5.84 -6.13 -7.92
N PRO A 260 -7.04 -5.56 -8.04
CA PRO A 260 -7.78 -5.10 -6.87
C PRO A 260 -8.62 -6.23 -6.28
N TYR A 261 -8.93 -6.10 -5.01
CA TYR A 261 -9.72 -7.10 -4.29
C TYR A 261 -10.99 -6.47 -3.73
N ARG A 262 -12.08 -7.24 -3.75
CA ARG A 262 -13.32 -6.90 -3.06
C ARG A 262 -13.51 -7.99 -2.01
N LEU A 263 -13.15 -7.69 -0.76
CA LEU A 263 -13.02 -8.69 0.29
C LEU A 263 -14.25 -8.73 1.19
N ALA A 264 -14.76 -9.93 1.46
CA ALA A 264 -15.81 -10.14 2.44
C ALA A 264 -15.44 -11.32 3.33
N LEU A 265 -16.15 -11.44 4.45
CA LEU A 265 -15.97 -12.54 5.39
C LEU A 265 -17.25 -13.37 5.38
N LEU A 266 -17.15 -14.58 4.86
CA LEU A 266 -18.30 -15.47 4.73
C LEU A 266 -18.30 -16.46 5.89
N ARG A 267 -19.41 -16.49 6.62
CA ARG A 267 -19.64 -17.45 7.69
C ARG A 267 -20.86 -18.26 7.26
N GLY A 268 -20.61 -19.36 6.55
CA GLY A 268 -21.70 -20.12 5.97
C GLY A 268 -22.44 -19.32 4.92
N ASN A 269 -23.76 -19.16 5.10
CA ASN A 269 -24.54 -18.36 4.17
C ASN A 269 -24.14 -16.89 4.24
N GLN A 270 -24.27 -16.29 5.43
CA GLN A 270 -24.25 -14.85 5.58
C GLN A 270 -22.84 -14.27 5.46
N ARG A 271 -22.78 -12.97 5.20
CA ARG A 271 -21.57 -12.18 5.29
C ARG A 271 -21.42 -11.65 6.71
N MET A 272 -20.25 -11.90 7.31
CA MET A 272 -20.01 -11.39 8.66
C MET A 272 -19.71 -9.91 8.62
N ARG A 273 -20.13 -9.20 9.67
CA ARG A 273 -19.80 -7.80 9.80
C ARG A 273 -18.36 -7.62 10.28
N PHE A 274 -17.77 -6.47 9.94
CA PHE A 274 -16.48 -6.05 10.45
C PHE A 274 -16.41 -4.53 10.28
N TRP A 275 -15.32 -3.95 10.78
CA TRP A 275 -15.20 -2.49 10.85
C TRP A 275 -13.91 -2.01 10.22
N VAL A 276 -14.03 -1.05 9.31
CA VAL A 276 -12.88 -0.29 8.84
C VAL A 276 -12.49 0.68 9.95
N ILE A 277 -11.24 0.60 10.39
CA ILE A 277 -10.76 1.55 11.39
C ILE A 277 -9.63 2.43 10.88
N GLY A 278 -8.97 2.07 9.78
CA GLY A 278 -7.87 2.88 9.30
C GLY A 278 -7.64 2.68 7.82
N VAL A 279 -7.01 3.67 7.22
CA VAL A 279 -6.61 3.62 5.81
C VAL A 279 -5.13 3.97 5.73
N GLU A 280 -4.65 4.30 4.52
CA GLU A 280 -3.22 4.48 4.31
C GLU A 280 -2.65 5.54 5.25
N GLY A 281 -3.38 6.63 5.48
CA GLY A 281 -2.91 7.72 6.31
C GLY A 281 -3.31 7.62 7.76
N GLY A 282 -3.64 6.42 8.22
CA GLY A 282 -3.88 6.20 9.62
C GLY A 282 -5.34 5.97 9.97
N LEU A 283 -5.65 6.19 11.24
CA LEU A 283 -6.95 5.83 11.78
C LEU A 283 -8.04 6.78 11.28
N LEU A 284 -9.23 6.23 11.06
CA LEU A 284 -10.41 7.05 10.86
C LEU A 284 -10.84 7.69 12.19
N ASP A 285 -11.85 8.55 12.12
CA ASP A 285 -12.33 9.18 13.34
C ASP A 285 -13.07 8.18 14.22
N THR A 286 -13.92 7.35 13.63
CA THR A 286 -14.69 6.33 14.33
C THR A 286 -14.68 5.07 13.49
N PRO A 287 -14.96 3.91 14.11
CA PRO A 287 -15.09 2.68 13.30
C PRO A 287 -16.26 2.77 12.35
N LYS A 288 -16.09 2.18 11.16
CA LYS A 288 -17.12 2.16 10.13
C LYS A 288 -17.50 0.71 9.85
N GLU A 289 -18.71 0.33 10.24
CA GLU A 289 -19.16 -1.05 10.06
C GLU A 289 -19.51 -1.30 8.59
N VAL A 290 -18.96 -2.38 8.04
CA VAL A 290 -19.17 -2.75 6.65
C VAL A 290 -19.33 -4.26 6.59
N ASN A 291 -19.66 -4.75 5.40
CA ASN A 291 -19.61 -6.18 5.11
C ASN A 291 -18.75 -6.49 3.89
N GLU A 292 -18.06 -5.50 3.35
CA GLU A 292 -17.07 -5.71 2.29
C GLU A 292 -16.19 -4.47 2.18
N ILE A 293 -14.99 -4.68 1.64
CA ILE A 293 -14.05 -3.59 1.38
C ILE A 293 -13.38 -3.82 0.04
N LEU A 294 -13.20 -2.73 -0.71
CA LEU A 294 -12.48 -2.74 -1.98
C LEU A 294 -11.10 -2.16 -1.72
N VAL A 295 -10.06 -2.90 -2.09
CA VAL A 295 -8.69 -2.48 -1.81
C VAL A 295 -7.86 -2.69 -3.09
N ALA A 296 -7.31 -1.61 -3.59
CA ALA A 296 -6.50 -1.61 -4.79
C ALA A 296 -5.02 -1.69 -4.42
N PRO A 297 -4.16 -2.01 -5.38
CA PRO A 297 -2.72 -1.96 -5.13
C PRO A 297 -2.30 -0.60 -4.58
N GLY A 298 -1.51 -0.61 -3.52
CA GLY A 298 -1.09 0.60 -2.85
C GLY A 298 -2.00 1.04 -1.72
N GLU A 299 -3.24 0.57 -1.69
CA GLU A 299 -4.12 0.86 -0.57
C GLU A 299 -3.78 -0.03 0.62
N ARG A 300 -4.07 0.47 1.81
CA ARG A 300 -3.99 -0.32 3.04
C ARG A 300 -5.25 -0.04 3.85
N ILE A 301 -5.95 -1.10 4.25
CA ILE A 301 -7.18 -1.00 5.02
C ILE A 301 -6.96 -1.75 6.33
N ASP A 302 -7.09 -1.04 7.44
CA ASP A 302 -7.10 -1.66 8.77
C ASP A 302 -8.53 -1.98 9.17
N ILE A 303 -8.79 -3.24 9.51
CA ILE A 303 -10.12 -3.66 9.91
C ILE A 303 -10.07 -4.33 11.28
N LEU A 304 -11.19 -4.26 11.99
CA LEU A 304 -11.45 -5.04 13.19
C LEU A 304 -12.49 -6.10 12.88
N VAL A 305 -12.20 -7.34 13.26
CA VAL A 305 -13.12 -8.45 13.06
C VAL A 305 -13.38 -9.07 14.44
N ASP A 306 -14.64 -9.15 14.82
CA ASP A 306 -15.02 -9.68 16.13
C ASP A 306 -15.44 -11.13 15.92
N PHE A 307 -14.48 -12.04 16.11
CA PHE A 307 -14.80 -13.46 15.94
C PHE A 307 -15.67 -14.01 17.06
N ARG A 308 -16.02 -13.20 18.07
CA ARG A 308 -17.07 -13.61 19.01
C ARG A 308 -18.43 -13.72 18.31
N ASP A 309 -18.59 -13.10 17.14
CA ASP A 309 -19.78 -13.33 16.34
C ASP A 309 -19.93 -14.80 15.97
N ALA A 310 -18.82 -15.51 15.85
CA ALA A 310 -18.78 -16.88 15.40
C ALA A 310 -18.80 -17.83 16.58
N SER A 311 -19.14 -19.09 16.30
CA SER A 311 -19.10 -20.15 17.29
C SER A 311 -17.81 -20.94 17.13
N VAL A 312 -17.38 -21.57 18.22
CA VAL A 312 -16.26 -22.48 18.13
C VAL A 312 -16.57 -23.54 17.08
N ASN A 313 -15.58 -23.85 16.25
CA ASN A 313 -15.60 -24.78 15.11
C ASN A 313 -16.10 -24.11 13.84
N ASP A 314 -16.49 -22.83 13.88
CA ASP A 314 -16.84 -22.16 12.64
C ASP A 314 -15.60 -21.93 11.78
N VAL A 315 -15.80 -21.95 10.47
CA VAL A 315 -14.79 -21.55 9.51
C VAL A 315 -15.31 -20.32 8.77
N ILE A 316 -14.50 -19.27 8.76
CA ILE A 316 -14.87 -18.01 8.12
C ILE A 316 -13.94 -17.82 6.93
N LYS A 317 -14.53 -17.67 5.75
CA LYS A 317 -13.77 -17.55 4.51
C LYS A 317 -13.58 -16.07 4.17
N LEU A 318 -12.32 -15.62 4.17
CA LEU A 318 -12.00 -14.33 3.57
C LEU A 318 -12.07 -14.47 2.07
N TYR A 319 -13.13 -13.92 1.47
CA TYR A 319 -13.51 -14.22 0.11
C TYR A 319 -13.41 -12.98 -0.76
N ASN A 320 -12.92 -13.15 -1.99
CA ASN A 320 -12.83 -12.08 -2.97
C ASN A 320 -13.97 -12.23 -3.96
N PHE A 321 -14.82 -11.22 -4.03
CA PHE A 321 -15.91 -11.15 -4.99
C PHE A 321 -15.48 -10.35 -6.21
N PRO A 322 -16.21 -10.48 -7.33
CA PRO A 322 -15.87 -9.68 -8.52
C PRO A 322 -15.80 -8.19 -8.21
N HIS A 323 -14.67 -7.58 -8.57
CA HIS A 323 -14.42 -6.18 -8.19
C HIS A 323 -15.20 -5.20 -9.04
N ASN A 324 -15.66 -5.60 -10.22
CA ASN A 324 -16.53 -4.81 -11.08
C ASN A 324 -15.93 -3.44 -11.44
N LEU A 325 -14.62 -3.32 -11.38
CA LEU A 325 -13.92 -2.15 -11.90
C LEU A 325 -13.64 -2.32 -13.39
N ILE A 326 -14.68 -2.78 -14.11
CA ILE A 326 -14.61 -3.14 -15.53
C ILE A 326 -13.41 -4.05 -15.80
N MET A 355 -5.53 -12.07 -19.68
CA MET A 355 -4.67 -11.79 -18.54
C MET A 355 -5.45 -11.14 -17.39
N ALA A 356 -6.08 -10.00 -17.67
CA ALA A 356 -6.85 -9.30 -16.66
C ALA A 356 -8.11 -10.10 -16.30
N ASP A 357 -8.36 -10.25 -15.00
CA ASP A 357 -9.34 -11.20 -14.49
C ASP A 357 -10.32 -10.48 -13.57
N ASN A 358 -11.57 -10.97 -13.54
CA ASN A 358 -12.61 -10.42 -12.69
C ASN A 358 -13.33 -11.53 -11.92
N SER A 359 -12.60 -12.60 -11.58
CA SER A 359 -13.21 -13.78 -11.00
C SER A 359 -13.31 -13.66 -9.48
N GLU A 360 -14.08 -14.57 -8.89
CA GLU A 360 -14.22 -14.67 -7.45
C GLU A 360 -13.51 -15.91 -6.95
N PHE A 361 -12.98 -15.82 -5.73
CA PHE A 361 -12.14 -16.88 -5.19
C PHE A 361 -11.87 -16.62 -3.72
N GLU A 362 -11.63 -17.68 -2.97
CA GLU A 362 -11.28 -17.55 -1.56
C GLU A 362 -9.84 -17.05 -1.44
N VAL A 363 -9.63 -16.07 -0.56
CA VAL A 363 -8.28 -15.60 -0.26
C VAL A 363 -7.67 -16.34 0.91
N MET A 364 -8.46 -16.60 1.95
CA MET A 364 -7.94 -17.13 3.20
C MET A 364 -9.09 -17.69 4.03
N GLU A 365 -8.75 -18.62 4.91
CA GLU A 365 -9.71 -19.28 5.78
C GLU A 365 -9.33 -19.06 7.23
N PHE A 366 -10.29 -18.62 8.04
CA PHE A 366 -10.12 -18.50 9.48
C PHE A 366 -10.90 -19.60 10.17
N ARG A 367 -10.26 -20.27 11.12
CA ARG A 367 -10.88 -21.35 11.88
C ARG A 367 -10.99 -20.89 13.33
N VAL A 368 -12.21 -20.67 13.79
CA VAL A 368 -12.47 -20.32 15.18
C VAL A 368 -12.33 -21.58 16.03
N THR A 369 -11.13 -21.81 16.56
CA THR A 369 -10.82 -23.08 17.20
C THR A 369 -10.95 -23.04 18.72
N LYS A 370 -10.94 -21.86 19.34
CA LYS A 370 -10.93 -21.76 20.78
C LYS A 370 -11.88 -20.66 21.25
N ASP A 371 -12.53 -20.90 22.37
CA ASP A 371 -13.28 -19.86 23.05
C ASP A 371 -12.34 -18.98 23.85
N SER A 372 -12.87 -17.87 24.36
CA SER A 372 -12.04 -16.90 25.05
C SER A 372 -12.92 -16.10 26.00
N ALA A 373 -12.28 -15.53 27.04
CA ALA A 373 -12.94 -14.63 27.98
C ALA A 373 -12.84 -13.18 27.55
N TYR A 374 -12.53 -12.91 26.29
CA TYR A 374 -12.33 -11.56 25.78
C TYR A 374 -13.60 -10.72 25.92
N ASP A 375 -13.51 -9.60 26.64
CA ASP A 375 -14.67 -8.77 26.93
C ASP A 375 -14.50 -7.33 26.45
N LYS A 376 -13.50 -7.04 25.63
CA LYS A 376 -13.27 -5.66 25.20
C LYS A 376 -14.36 -5.21 24.24
N SER A 377 -14.51 -3.89 24.13
CA SER A 377 -15.48 -3.28 23.25
C SER A 377 -14.78 -2.46 22.18
N ILE A 378 -15.34 -2.45 20.98
CA ILE A 378 -14.81 -1.56 19.95
C ILE A 378 -15.08 -0.11 20.37
N PRO A 379 -14.07 0.74 20.41
CA PRO A 379 -14.26 2.09 20.96
C PRO A 379 -15.12 2.95 20.04
N GLN A 380 -15.75 3.95 20.64
CA GLN A 380 -16.58 4.87 19.86
C GLN A 380 -15.73 5.75 18.96
N ARG A 381 -14.58 6.21 19.45
CA ARG A 381 -13.71 7.12 18.71
C ARG A 381 -12.31 6.53 18.60
N LEU A 382 -11.68 6.77 17.44
CA LEU A 382 -10.35 6.25 17.13
C LEU A 382 -9.29 7.33 17.07
N SER A 383 -9.59 8.49 16.52
CA SER A 383 -8.61 9.55 16.32
C SER A 383 -9.35 10.80 15.84
N GLU A 384 -8.58 11.86 15.63
CA GLU A 384 -9.09 13.09 15.05
C GLU A 384 -8.61 13.18 13.60
N VAL A 385 -9.55 13.21 12.68
CA VAL A 385 -9.26 13.48 11.27
C VAL A 385 -9.83 14.86 10.99
N THR A 386 -8.95 15.85 10.89
CA THR A 386 -9.39 17.22 10.65
C THR A 386 -9.74 17.40 9.18
N PRO A 387 -10.96 17.81 8.85
CA PRO A 387 -11.28 18.04 7.43
C PRO A 387 -10.49 19.21 6.87
N ILE A 388 -10.10 19.10 5.61
CA ILE A 388 -9.34 20.15 4.94
C ILE A 388 -10.31 21.25 4.55
N ASN A 389 -9.95 22.49 4.87
CA ASN A 389 -10.74 23.64 4.43
C ASN A 389 -10.45 23.90 2.96
N THR A 390 -11.45 23.69 2.11
CA THR A 390 -11.27 23.75 0.67
C THR A 390 -11.71 25.07 0.05
N ASP A 391 -12.14 26.03 0.87
CA ASP A 391 -12.57 27.31 0.34
C ASP A 391 -11.39 28.04 -0.29
N GLY A 392 -11.59 28.55 -1.50
CA GLY A 392 -10.53 29.27 -2.20
C GLY A 392 -9.34 28.42 -2.58
N ALA A 393 -9.49 27.11 -2.67
CA ALA A 393 -8.40 26.25 -3.06
C ALA A 393 -8.21 26.24 -4.57
N GLN A 394 -6.98 26.02 -5.00
CA GLN A 394 -6.71 25.84 -6.42
C GLN A 394 -7.15 24.46 -6.86
N VAL A 395 -7.69 24.39 -8.08
CA VAL A 395 -8.09 23.12 -8.68
C VAL A 395 -7.02 22.70 -9.69
N GLN A 396 -6.63 21.45 -9.64
CA GLN A 396 -5.69 20.86 -10.60
C GLN A 396 -6.39 19.66 -11.22
N ARG A 397 -6.75 19.76 -12.49
CA ARG A 397 -7.44 18.67 -13.17
C ARG A 397 -6.43 17.72 -13.80
N ILE A 398 -6.49 16.45 -13.41
CA ILE A 398 -5.58 15.42 -13.85
C ILE A 398 -6.39 14.45 -14.70
N THR A 399 -6.21 14.51 -16.02
CA THR A 399 -6.97 13.68 -16.93
C THR A 399 -6.16 12.44 -17.29
N LEU A 400 -6.74 11.27 -17.03
CA LEU A 400 -6.13 9.99 -17.38
C LEU A 400 -6.62 9.60 -18.76
N GLY A 401 -5.74 9.68 -19.76
CA GLY A 401 -6.06 9.25 -21.10
C GLY A 401 -5.21 8.06 -21.51
N MET A 402 -5.38 7.66 -22.77
CA MET A 402 -4.48 6.69 -23.37
C MET A 402 -4.20 7.13 -24.80
N ARG A 403 -2.93 7.02 -25.18
CA ARG A 403 -2.42 7.44 -26.49
C ARG A 403 -1.85 6.21 -27.16
N ARG A 404 -2.68 5.53 -27.96
CA ARG A 404 -2.29 4.35 -28.73
C ARG A 404 -1.70 3.27 -27.82
N MET A 405 -2.55 2.78 -26.92
CA MET A 405 -2.18 1.74 -25.95
C MET A 405 -1.07 2.19 -25.01
N VAL A 406 -1.04 3.48 -24.66
CA VAL A 406 -0.11 4.01 -23.67
C VAL A 406 -0.89 4.98 -22.80
N PHE A 407 -0.96 4.70 -21.50
CA PHE A 407 -1.76 5.53 -20.60
C PHE A 407 -1.04 6.85 -20.31
N THR A 408 -1.81 7.94 -20.31
CA THR A 408 -1.28 9.28 -20.17
C THR A 408 -1.86 9.99 -18.96
N ILE A 409 -1.11 10.97 -18.48
CA ILE A 409 -1.54 11.88 -17.44
C ILE A 409 -1.43 13.29 -18.02
N ASN A 410 -2.58 13.93 -18.27
CA ASN A 410 -2.62 15.23 -18.92
C ASN A 410 -1.82 15.23 -20.22
N GLY A 411 -2.03 14.17 -21.01
CA GLY A 411 -1.38 14.03 -22.29
C GLY A 411 0.09 13.65 -22.25
N GLU A 412 0.65 13.39 -21.07
CA GLU A 412 2.07 13.17 -20.93
C GLU A 412 2.35 11.82 -20.26
N THR A 413 3.52 11.26 -20.56
CA THR A 413 4.07 10.13 -19.83
C THR A 413 5.40 10.55 -19.22
N TRP A 414 5.96 9.65 -18.43
CA TRP A 414 7.27 9.89 -17.83
C TRP A 414 8.31 10.21 -18.91
N GLU A 415 8.24 9.51 -20.04
CA GLU A 415 9.19 9.69 -21.12
C GLU A 415 9.01 11.00 -21.87
N ASP A 416 8.09 11.85 -21.45
CA ASP A 416 7.83 13.14 -22.09
C ASP A 416 8.51 14.28 -21.36
N GLY A 417 9.82 14.13 -21.09
CA GLY A 417 10.62 15.18 -20.49
C GLY A 417 10.95 14.97 -19.02
N TYR A 418 10.31 14.01 -18.37
CA TYR A 418 10.56 13.77 -16.95
C TYR A 418 11.72 12.80 -16.68
N ALA A 419 12.00 11.91 -17.63
CA ALA A 419 12.82 10.73 -17.31
C ALA A 419 14.27 11.09 -17.05
N ASN A 420 14.83 12.03 -17.80
CA ASN A 420 16.26 12.33 -17.74
C ASN A 420 16.47 13.83 -17.63
N PRO A 421 16.22 14.41 -16.45
CA PRO A 421 16.34 15.86 -16.30
C PRO A 421 17.78 16.33 -16.42
N GLN A 422 17.95 17.51 -17.00
CA GLN A 422 19.26 18.15 -17.03
C GLN A 422 19.75 18.45 -15.61
N ASP A 423 18.83 18.76 -14.71
CA ASP A 423 19.13 19.02 -13.30
C ASP A 423 18.05 18.32 -12.48
N ILE A 424 18.42 17.25 -11.76
CA ILE A 424 17.41 16.50 -11.02
C ILE A 424 16.83 17.33 -9.88
N ASN A 425 17.50 18.41 -9.48
CA ASN A 425 16.94 19.30 -8.48
C ASN A 425 15.90 20.26 -9.05
N ASN A 426 15.86 20.45 -10.36
CA ASN A 426 14.87 21.29 -11.01
C ASN A 426 14.38 20.59 -12.28
N PRO A 427 13.66 19.47 -12.13
CA PRO A 427 13.20 18.73 -13.31
C PRO A 427 11.89 19.28 -13.84
N LYS A 428 11.41 18.68 -14.93
CA LYS A 428 10.06 18.98 -15.39
C LYS A 428 9.05 18.57 -14.33
N VAL A 429 8.05 19.42 -14.10
CA VAL A 429 6.95 19.11 -13.20
C VAL A 429 5.65 19.36 -13.94
N LEU A 430 4.65 18.52 -13.68
CA LEU A 430 3.35 18.72 -14.30
C LEU A 430 2.71 20.01 -13.81
N PHE A 431 2.82 20.28 -12.52
CA PHE A 431 2.31 21.51 -11.94
C PHE A 431 3.13 21.82 -10.70
N GLU A 432 3.04 23.08 -10.26
CA GLU A 432 3.82 23.57 -9.15
C GLU A 432 2.90 24.29 -8.17
N GLN A 433 3.17 24.11 -6.88
CA GLN A 433 2.40 24.76 -5.82
C GLN A 433 3.35 25.41 -4.82
N ASN A 434 2.83 26.39 -4.08
CA ASN A 434 3.56 26.98 -2.98
C ASN A 434 3.29 26.18 -1.71
N ASN A 435 4.28 26.18 -0.82
CA ASN A 435 4.14 25.49 0.45
C ASN A 435 2.93 26.04 1.21
N GLY A 436 2.05 25.14 1.65
CA GLY A 436 0.84 25.52 2.33
C GLY A 436 -0.38 25.66 1.45
N ASP A 437 -0.23 25.55 0.13
CA ASP A 437 -1.37 25.61 -0.76
C ASP A 437 -2.32 24.44 -0.51
N VAL A 438 -3.62 24.74 -0.44
CA VAL A 438 -4.64 23.72 -0.52
C VAL A 438 -5.01 23.55 -1.98
N VAL A 439 -4.98 22.32 -2.46
CA VAL A 439 -5.26 22.00 -3.85
C VAL A 439 -6.34 20.93 -3.89
N ILE A 440 -7.34 21.13 -4.74
CA ILE A 440 -8.29 20.08 -5.10
C ILE A 440 -7.79 19.44 -6.39
N ILE A 441 -7.44 18.17 -6.32
CA ILE A 441 -7.05 17.42 -7.50
C ILE A 441 -8.26 16.68 -8.02
N GLU A 442 -8.47 16.75 -9.32
CA GLU A 442 -9.65 16.22 -9.99
C GLU A 442 -9.18 15.19 -11.02
N TYR A 443 -9.19 13.92 -10.62
CA TYR A 443 -8.86 12.85 -11.54
C TYR A 443 -10.05 12.61 -12.47
N VAL A 444 -9.79 12.61 -13.78
CA VAL A 444 -10.82 12.33 -14.78
C VAL A 444 -10.31 11.17 -15.62
N ASN A 445 -10.90 10.00 -15.43
CA ASN A 445 -10.45 8.78 -16.10
C ASN A 445 -11.26 8.60 -17.38
N ASN A 446 -10.65 8.93 -18.52
CA ASN A 446 -11.25 8.72 -19.83
C ASN A 446 -10.79 7.43 -20.49
N THR A 447 -10.31 6.46 -19.70
CA THR A 447 -9.85 5.19 -20.23
C THR A 447 -10.81 4.08 -19.82
N GLY A 448 -10.59 2.90 -20.40
CA GLY A 448 -11.41 1.75 -20.12
C GLY A 448 -10.99 0.95 -18.90
N MET A 449 -9.95 1.37 -18.21
CA MET A 449 -9.41 0.63 -17.07
C MET A 449 -9.39 1.51 -15.83
N TYR A 450 -9.54 0.88 -14.68
CA TYR A 450 -9.41 1.61 -13.43
C TYR A 450 -7.94 1.94 -13.17
N HIS A 451 -7.72 2.98 -12.37
CA HIS A 451 -6.37 3.36 -11.97
C HIS A 451 -6.35 3.76 -10.51
N PRO A 452 -5.58 3.07 -9.67
CA PRO A 452 -5.39 3.56 -8.30
C PRO A 452 -4.31 4.62 -8.27
N MET A 453 -4.71 5.88 -8.19
CA MET A 453 -3.80 7.01 -8.33
C MET A 453 -3.18 7.37 -6.99
N HIS A 454 -1.86 7.48 -6.98
CA HIS A 454 -1.09 7.73 -5.77
C HIS A 454 -0.26 8.99 -5.95
N ILE A 455 -0.25 9.85 -4.93
CA ILE A 455 0.66 10.99 -4.87
C ILE A 455 1.64 10.77 -3.73
N HIS A 456 2.88 11.17 -3.94
CA HIS A 456 3.87 11.18 -2.87
C HIS A 456 3.79 12.50 -2.11
N GLY A 457 4.40 12.52 -0.93
CA GLY A 457 4.58 13.74 -0.17
C GLY A 457 3.50 14.10 0.83
N PHE A 458 2.24 13.83 0.50
CA PHE A 458 1.13 14.22 1.37
C PHE A 458 0.01 13.20 1.28
N GLN A 459 -0.73 13.06 2.37
CA GLN A 459 -2.00 12.37 2.30
C GLN A 459 -3.08 13.36 1.85
N PHE A 460 -4.24 12.81 1.48
CA PHE A 460 -5.35 13.63 1.01
C PHE A 460 -6.65 13.05 1.54
N GLN A 461 -7.72 13.84 1.39
CA GLN A 461 -9.07 13.42 1.76
C GLN A 461 -9.94 13.40 0.52
N VAL A 462 -10.63 12.29 0.31
CA VAL A 462 -11.49 12.12 -0.87
C VAL A 462 -12.75 12.94 -0.67
N LEU A 463 -13.01 13.84 -1.61
CA LEU A 463 -14.19 14.69 -1.51
C LEU A 463 -15.41 14.04 -2.14
N GLU A 464 -15.28 13.48 -3.34
CA GLU A 464 -16.45 13.15 -4.13
C GLU A 464 -16.09 12.15 -5.23
N ARG A 465 -17.02 11.24 -5.51
CA ARG A 465 -16.93 10.32 -6.64
C ARG A 465 -18.12 10.57 -7.54
N SER A 466 -17.88 10.65 -8.84
CA SER A 466 -18.98 10.95 -9.75
C SER A 466 -19.91 9.75 -9.95
N LEU A 467 -19.44 8.55 -9.65
CA LEU A 467 -20.20 7.35 -9.94
C LEU A 467 -21.04 6.85 -8.77
N GLY A 468 -20.76 7.31 -7.55
CA GLY A 468 -21.53 6.90 -6.39
C GLY A 468 -21.04 7.57 -5.13
N PRO A 469 -21.59 7.17 -3.99
CA PRO A 469 -21.15 7.74 -2.72
C PRO A 469 -19.75 7.27 -2.38
N LEU A 470 -19.12 8.00 -1.47
CA LEU A 470 -17.86 7.55 -0.90
C LEU A 470 -18.06 6.20 -0.20
N ARG A 471 -17.06 5.36 -0.27
CA ARG A 471 -17.05 4.10 0.45
C ARG A 471 -16.22 4.26 1.72
N ALA A 472 -16.46 3.34 2.68
CA ALA A 472 -15.76 3.43 3.97
C ALA A 472 -14.26 3.50 3.76
N THR A 473 -13.75 2.76 2.78
CA THR A 473 -12.32 2.78 2.46
C THR A 473 -11.88 4.08 1.80
N ASP A 474 -12.81 4.96 1.42
CA ASP A 474 -12.47 6.26 0.85
C ASP A 474 -12.28 7.33 1.92
N LEU A 475 -12.57 7.03 3.18
CA LEU A 475 -12.58 8.04 4.23
C LEU A 475 -11.18 8.25 4.79
N GLY A 476 -11.07 9.24 5.68
CA GLY A 476 -9.82 9.49 6.36
C GLY A 476 -8.74 10.07 5.46
N TRP A 477 -7.51 9.96 5.93
CA TRP A 477 -6.33 10.43 5.21
C TRP A 477 -5.87 9.31 4.27
N LYS A 478 -5.99 9.54 2.97
CA LYS A 478 -5.62 8.56 1.96
C LYS A 478 -4.35 8.98 1.26
N ASP A 479 -3.67 8.03 0.61
CA ASP A 479 -2.64 8.35 -0.37
C ASP A 479 -2.81 7.61 -1.69
N THR A 480 -3.80 6.73 -1.81
CA THR A 480 -4.11 6.03 -3.07
C THR A 480 -5.62 5.94 -3.21
N VAL A 481 -6.16 6.52 -4.29
CA VAL A 481 -7.61 6.54 -4.50
C VAL A 481 -7.95 5.77 -5.77
N ILE A 482 -8.94 4.89 -5.68
CA ILE A 482 -9.42 4.15 -6.83
C ILE A 482 -10.19 5.09 -7.74
N VAL A 483 -9.88 5.07 -9.03
CA VAL A 483 -10.58 5.87 -10.03
C VAL A 483 -11.09 4.89 -11.08
N ALA A 484 -12.39 4.59 -11.05
CA ALA A 484 -12.98 3.59 -11.92
C ALA A 484 -13.07 4.09 -13.36
N PRO A 485 -13.25 3.20 -14.33
CA PRO A 485 -13.40 3.64 -15.72
C PRO A 485 -14.51 4.67 -15.85
N MET A 486 -14.22 5.74 -16.58
CA MET A 486 -15.18 6.81 -16.86
C MET A 486 -15.66 7.52 -15.60
N GLU A 487 -14.87 7.45 -14.52
CA GLU A 487 -15.22 8.09 -13.26
C GLU A 487 -14.38 9.33 -13.04
N THR A 488 -14.97 10.32 -12.37
CA THR A 488 -14.24 11.49 -11.89
C THR A 488 -14.24 11.46 -10.37
N VAL A 489 -13.08 11.68 -9.78
CA VAL A 489 -12.90 11.71 -8.33
C VAL A 489 -12.23 13.02 -7.95
N ARG A 490 -12.72 13.67 -6.90
CA ARG A 490 -12.14 14.91 -6.39
C ARG A 490 -11.55 14.67 -5.01
N ILE A 491 -10.27 15.01 -4.85
CA ILE A 491 -9.57 14.88 -3.59
C ILE A 491 -9.03 16.24 -3.18
N ALA A 492 -8.74 16.39 -1.88
CA ALA A 492 -8.21 17.62 -1.33
C ALA A 492 -6.85 17.34 -0.70
N VAL A 493 -5.85 18.17 -1.04
CA VAL A 493 -4.49 18.00 -0.54
C VAL A 493 -4.06 19.30 0.11
N ASP A 494 -3.68 19.22 1.39
CA ASP A 494 -3.02 20.34 2.07
C ASP A 494 -1.53 20.15 1.90
N MET A 495 -0.93 20.90 0.98
CA MET A 495 0.47 20.72 0.62
C MET A 495 1.37 21.61 1.49
N SER A 496 1.35 21.32 2.79
CA SER A 496 2.16 22.01 3.78
C SER A 496 3.27 21.07 4.26
N HIS A 497 4.52 21.53 4.16
CA HIS A 497 5.67 20.72 4.54
C HIS A 497 6.64 21.55 5.36
N PRO A 498 7.37 20.91 6.30
CA PRO A 498 8.23 21.67 7.22
C PRO A 498 9.68 21.79 6.77
N TYR A 499 9.95 21.64 5.48
CA TYR A 499 11.31 21.61 4.97
C TYR A 499 11.70 22.97 4.41
N ASN A 500 13.02 23.23 4.39
CA ASN A 500 13.54 24.52 3.93
C ASN A 500 13.96 24.52 2.46
N GLU A 501 13.53 23.51 1.69
CA GLU A 501 13.82 23.42 0.27
C GLU A 501 12.57 22.99 -0.47
N HIS A 502 12.51 23.34 -1.76
CA HIS A 502 11.41 22.87 -2.59
C HIS A 502 11.45 21.34 -2.68
N GLN A 503 10.31 20.76 -3.01
CA GLN A 503 10.13 19.31 -3.01
C GLN A 503 9.67 18.83 -4.37
N ILE A 504 10.22 17.70 -4.80
CA ILE A 504 9.83 17.06 -6.05
C ILE A 504 9.16 15.75 -5.68
N TYR A 505 7.85 15.67 -5.92
CA TYR A 505 7.07 14.51 -5.54
C TYR A 505 6.45 13.87 -6.78
N LEU A 506 6.26 12.56 -6.72
CA LEU A 506 5.67 11.83 -7.83
C LEU A 506 4.15 11.85 -7.76
N LEU A 507 3.52 11.75 -8.92
CA LEU A 507 2.11 11.44 -9.05
C LEU A 507 2.00 10.37 -10.13
N HIS A 508 1.42 9.22 -9.78
CA HIS A 508 1.47 8.08 -10.69
C HIS A 508 0.37 7.10 -10.34
N CYS A 509 0.02 6.28 -11.33
CA CYS A 509 -0.85 5.14 -11.09
C CYS A 509 -0.09 4.07 -10.31
N HIS A 510 -0.79 3.38 -9.41
CA HIS A 510 -0.14 2.36 -8.61
C HIS A 510 -0.38 0.96 -9.14
N ILE A 511 -0.94 0.83 -10.34
CA ILE A 511 -0.78 -0.41 -11.08
C ILE A 511 0.66 -0.41 -11.60
N LEU A 512 1.47 -1.35 -11.10
CA LEU A 512 2.92 -1.23 -11.23
C LEU A 512 3.35 -1.21 -12.69
N GLU A 513 2.68 -1.99 -13.53
CA GLU A 513 3.00 -1.97 -14.96
C GLU A 513 2.70 -0.60 -15.57
N HIS A 514 1.53 -0.03 -15.26
CA HIS A 514 1.21 1.32 -15.73
C HIS A 514 2.30 2.31 -15.33
N HIS A 515 2.66 2.29 -14.05
CA HIS A 515 3.76 3.13 -13.57
C HIS A 515 5.04 2.84 -14.35
N ASP A 516 5.35 1.56 -14.59
CA ASP A 516 6.58 1.20 -15.27
C ASP A 516 6.58 1.68 -16.72
N GLU A 517 5.42 1.64 -17.38
CA GLU A 517 5.35 2.06 -18.77
C GLU A 517 5.06 3.55 -18.92
N GLY A 518 5.14 4.31 -17.83
CA GLY A 518 5.25 5.75 -17.91
C GLY A 518 4.11 6.56 -17.32
N MET A 519 3.11 5.93 -16.70
CA MET A 519 2.01 6.71 -16.12
CA MET A 519 2.00 6.65 -16.08
C MET A 519 2.47 7.29 -14.78
N MET A 520 3.35 8.28 -14.88
CA MET A 520 4.03 8.85 -13.73
C MET A 520 4.58 10.21 -14.12
N VAL A 521 4.37 11.22 -13.26
CA VAL A 521 4.89 12.56 -13.47
C VAL A 521 5.42 13.09 -12.14
N ASN A 522 6.17 14.19 -12.23
CA ASN A 522 6.56 14.95 -11.06
C ASN A 522 5.58 16.11 -10.86
N TYR A 523 5.42 16.51 -9.60
CA TYR A 523 4.91 17.83 -9.28
C TYR A 523 5.82 18.44 -8.23
N ARG A 524 5.70 19.75 -8.05
CA ARG A 524 6.64 20.50 -7.23
C ARG A 524 5.89 21.28 -6.16
N VAL A 525 6.44 21.30 -4.95
CA VAL A 525 5.97 22.17 -3.88
C VAL A 525 7.16 22.98 -3.39
N ASN A 526 7.05 24.30 -3.43
CA ASN A 526 8.17 25.16 -3.09
C ASN A 526 8.39 25.18 -1.58
N ALA A 527 9.48 25.84 -1.19
CA ALA A 527 9.91 25.84 0.22
C ALA A 527 8.92 26.54 1.14
#